data_9PV5
#
_entry.id   9PV5
#
_cell.length_a   1.00
_cell.length_b   1.00
_cell.length_c   1.00
_cell.angle_alpha   90.00
_cell.angle_beta   90.00
_cell.angle_gamma   90.00
#
_symmetry.space_group_name_H-M   'P 1'
#
loop_
_entity.id
_entity.type
_entity.pdbx_description
1 polymer '10E8-GT10.2 immunogen'
2 polymer 'W6-03 mouse Fab heavy chain'
3 polymer 'W6-03 mouse Fab light chain'
4 polymer 'W3-05 rhesus macaque Fab heavy chain'
5 polymer 'W3-05 rhesus macaque Fab light chain'
6 non-polymer 2-acetamido-2-deoxy-beta-D-glucopyranose
#
loop_
_entity_poly.entity_id
_entity_poly.type
_entity_poly.pdbx_seq_one_letter_code
_entity_poly.pdbx_strand_id
1 'polypeptide(L)'
;TGNVTQEDIIRALASPLIKDGMVDEDFAEYVIARENRSPTGLQAKGVGVAIPHTLGDYVRDNAISVGILDKPVNFSGWYQ
SPDPVPVRVVFMLAGRTWDDIVIVLKWIKDVILDEEFMKRLLNMSDEEIYRQIYTRISKAPNLSGINFSREYVRHLN
;
C
2 'polypeptide(L)'
;DVQLQESGPGLVKPSQSLSLTCSVTGYSITSGYYWNWIRQFPGNKLEWMGYISYDGSNNYNPSLKNRISITRDTSQNQFF
LKLNSVTTEDTASYYCAREGPYYDFWSGYYAYYMDVWGKGTTVTVSS
;
H
3 'polypeptide(L)'
;DIVMSQSPSSLAVSVGEKVTMSCKSSQSLLYSSNQKNYLAWYQQKPGQSPKLLIYWASTRKSGVPDRFTGSGSGTDFTLT
ISSVKAEDLAVYYCQQYFGYPLTFGAGTKLELK
;
L
4 'polypeptide(L)'
;EVQLVESGGGLVQPGGSLRLSCAASGFTFSNYWMSWVRQAPGKGLEWVGFIKNKADGGTAAYAESVKGRFTISRDDSKNT
LYLQMNSLKTEDTAVYYCARDLGRYNFWSGFYSQNRFDVWGPGVLVTVSS
;
A
5 'polypeptide(L)'
;SYEVTQPPSVSVSPGQMARITCGGDNLGSKYVHWYQQKPAQAPVLVIYDDSERPSGIPERFSGSKSGNTATLTISGVEAG
DEADYYCQVWDSSSDHPLFGGGTRLTVL
;
B
#
# COMPACT_ATOMS: atom_id res chain seq x y z
N VAL A 4 23.65 2.17 8.46
CA VAL A 4 23.32 2.36 9.86
C VAL A 4 22.63 3.70 10.13
N THR A 5 22.30 4.43 9.07
CA THR A 5 21.65 5.73 9.16
C THR A 5 20.39 5.64 8.29
N GLN A 6 19.45 6.56 8.49
CA GLN A 6 18.21 6.47 7.72
C GLN A 6 18.40 6.78 6.24
N GLU A 7 19.40 7.58 5.87
CA GLU A 7 19.54 7.91 4.45
C GLU A 7 20.01 6.69 3.66
N ASP A 8 20.96 5.94 4.21
CA ASP A 8 21.48 4.79 3.49
C ASP A 8 20.53 3.61 3.61
N ILE A 9 19.80 3.52 4.72
CA ILE A 9 18.83 2.46 4.86
C ILE A 9 17.70 2.68 3.87
N ILE A 10 17.22 3.92 3.73
CA ILE A 10 16.15 4.19 2.78
C ILE A 10 16.63 3.88 1.35
N ARG A 11 17.86 4.28 1.00
CA ARG A 11 18.34 3.96 -0.35
C ARG A 11 18.47 2.46 -0.58
N ALA A 12 19.00 1.72 0.41
CA ALA A 12 19.16 0.27 0.28
C ALA A 12 17.81 -0.42 0.18
N LEU A 13 16.84 0.09 0.93
CA LEU A 13 15.51 -0.46 1.00
C LEU A 13 14.74 -0.21 -0.28
N ALA A 14 14.90 0.99 -0.85
CA ALA A 14 14.24 1.33 -2.10
C ALA A 14 14.82 0.58 -3.30
N SER A 15 16.14 0.32 -3.30
CA SER A 15 16.83 -0.32 -4.44
C SER A 15 16.13 -1.53 -5.07
N PRO A 16 15.75 -2.59 -4.34
CA PRO A 16 15.10 -3.71 -5.02
C PRO A 16 13.73 -3.34 -5.57
N LEU A 17 13.13 -2.24 -5.10
CA LEU A 17 11.81 -1.84 -5.58
C LEU A 17 11.96 -1.00 -6.84
N ILE A 18 12.99 -0.14 -6.88
CA ILE A 18 13.24 0.67 -8.08
C ILE A 18 13.65 -0.24 -9.23
N LYS A 19 14.38 -1.33 -8.92
CA LYS A 19 14.82 -2.26 -9.96
C LYS A 19 13.66 -2.81 -10.80
N ASP A 20 12.45 -2.89 -10.26
CA ASP A 20 11.32 -3.39 -11.04
C ASP A 20 10.54 -2.28 -11.72
N GLY A 21 10.98 -1.03 -11.58
CA GLY A 21 10.32 0.11 -12.15
C GLY A 21 9.07 0.52 -11.42
N MET A 22 8.96 0.17 -10.14
CA MET A 22 7.76 0.51 -9.39
C MET A 22 7.62 2.02 -9.29
N VAL A 23 8.76 2.68 -9.08
CA VAL A 23 8.86 4.13 -8.97
C VAL A 23 10.07 4.56 -9.80
N ASP A 24 9.92 5.63 -10.56
CA ASP A 24 11.01 6.17 -11.35
C ASP A 24 11.67 7.33 -10.61
N GLU A 25 12.70 7.90 -11.24
CA GLU A 25 13.42 9.08 -10.75
C GLU A 25 14.07 8.85 -9.39
N ASP A 26 14.68 7.68 -9.20
CA ASP A 26 15.44 7.29 -8.00
C ASP A 26 14.59 7.13 -6.73
N PHE A 27 13.70 8.08 -6.47
CA PHE A 27 12.70 8.06 -5.40
C PHE A 27 13.28 8.23 -3.99
N ALA A 28 14.36 7.52 -3.66
CA ALA A 28 14.88 7.52 -2.30
C ALA A 28 15.21 8.91 -1.76
N GLU A 29 15.74 9.79 -2.61
CA GLU A 29 16.05 11.15 -2.14
C GLU A 29 14.78 11.87 -1.74
N TYR A 30 13.69 11.61 -2.46
CA TYR A 30 12.42 12.24 -2.13
C TYR A 30 11.88 11.64 -0.85
N VAL A 31 12.05 10.33 -0.67
CA VAL A 31 11.55 9.67 0.55
C VAL A 31 12.24 10.28 1.75
N ILE A 32 13.56 10.50 1.64
CA ILE A 32 14.32 11.08 2.74
C ILE A 32 13.85 12.50 3.03
N ALA A 33 13.72 13.32 1.99
CA ALA A 33 13.29 14.70 2.18
C ALA A 33 11.89 14.73 2.79
N ARG A 34 11.04 13.79 2.38
CA ARG A 34 9.68 13.75 2.88
C ARG A 34 9.65 13.37 4.34
N GLU A 35 10.47 12.40 4.73
CA GLU A 35 10.46 12.00 6.12
C GLU A 35 11.01 13.10 7.02
N ASN A 36 12.04 13.83 6.57
CA ASN A 36 12.55 14.89 7.44
C ASN A 36 11.58 16.06 7.55
N ARG A 37 10.89 16.40 6.45
CA ARG A 37 9.95 17.52 6.53
C ARG A 37 8.73 17.22 7.40
N SER A 38 8.15 16.03 7.33
CA SER A 38 6.96 15.72 8.14
C SER A 38 6.87 14.25 8.57
N PRO A 39 7.52 13.90 9.69
CA PRO A 39 7.47 12.50 10.14
C PRO A 39 6.04 12.09 10.51
N THR A 40 5.76 10.79 10.40
CA THR A 40 4.49 10.23 10.86
C THR A 40 4.72 9.64 12.25
N GLY A 41 3.66 9.19 12.91
CA GLY A 41 3.84 8.63 14.25
C GLY A 41 4.68 7.37 14.15
N LEU A 42 5.66 7.25 15.04
CA LEU A 42 6.61 6.13 15.03
C LEU A 42 6.56 5.17 16.21
N GLN A 43 6.28 5.61 17.44
CA GLN A 43 6.42 4.72 18.60
C GLN A 43 5.16 3.89 18.81
N ALA A 44 5.33 2.56 18.73
CA ALA A 44 4.27 1.60 18.94
C ALA A 44 4.06 1.39 20.43
N LYS A 45 2.91 0.80 20.79
CA LYS A 45 2.66 0.50 22.21
C LYS A 45 3.72 -0.45 22.78
N GLY A 46 4.38 -1.22 21.92
CA GLY A 46 5.38 -2.20 22.30
C GLY A 46 6.75 -1.75 21.83
N VAL A 47 7.46 -2.65 21.14
CA VAL A 47 8.82 -2.42 20.69
C VAL A 47 8.91 -2.14 19.20
N GLY A 48 7.77 -2.12 18.47
CA GLY A 48 7.80 -1.90 17.05
C GLY A 48 7.79 -0.43 16.66
N VAL A 49 7.97 -0.19 15.36
CA VAL A 49 7.94 1.15 14.77
C VAL A 49 7.03 1.19 13.54
N ALA A 50 6.21 2.22 13.48
CA ALA A 50 5.24 2.45 12.42
C ALA A 50 5.95 2.73 11.09
N ILE A 51 5.21 2.55 10.00
CA ILE A 51 5.77 2.58 8.65
C ILE A 51 5.70 4.00 8.07
N PRO A 52 6.83 4.60 7.68
CA PRO A 52 6.80 5.90 6.99
C PRO A 52 6.30 5.72 5.56
N HIS A 53 5.72 6.78 5.00
CA HIS A 53 5.19 6.74 3.64
C HIS A 53 5.55 8.04 2.91
N THR A 54 5.61 7.95 1.58
CA THR A 54 6.01 9.07 0.73
C THR A 54 4.90 9.71 -0.13
N LEU A 55 3.94 8.95 -0.65
CA LEU A 55 2.88 9.50 -1.50
C LEU A 55 3.44 10.28 -2.70
N GLY A 56 4.40 9.69 -3.40
CA GLY A 56 4.95 10.34 -4.57
C GLY A 56 3.96 10.34 -5.72
N ASP A 57 4.12 11.30 -6.65
CA ASP A 57 3.25 11.40 -7.82
C ASP A 57 3.86 10.78 -9.07
N TYR A 58 4.98 10.08 -8.93
CA TYR A 58 5.67 9.36 -10.00
C TYR A 58 5.73 7.87 -9.68
N VAL A 59 4.85 7.43 -8.78
CA VAL A 59 4.73 6.03 -8.39
C VAL A 59 3.85 5.34 -9.43
N ARG A 60 4.31 4.21 -9.97
CA ARG A 60 3.49 3.57 -10.99
C ARG A 60 2.43 2.64 -10.40
N ASP A 61 2.75 1.93 -9.32
CA ASP A 61 1.81 1.03 -8.66
C ASP A 61 2.17 1.06 -7.17
N ASN A 62 1.39 0.34 -6.38
CA ASN A 62 1.56 0.31 -4.93
C ASN A 62 2.40 -0.89 -4.49
N ALA A 63 3.29 -0.66 -3.52
CA ALA A 63 4.12 -1.75 -3.01
C ALA A 63 4.65 -1.37 -1.63
N ILE A 64 5.00 -2.40 -0.85
CA ILE A 64 5.62 -2.24 0.46
C ILE A 64 6.97 -2.97 0.51
N SER A 65 8.01 -2.27 0.91
CA SER A 65 9.31 -2.86 1.18
C SER A 65 9.41 -2.97 2.70
N VAL A 66 10.06 -4.04 3.18
CA VAL A 66 10.17 -4.26 4.62
C VAL A 66 11.61 -4.43 5.09
N GLY A 67 12.18 -5.62 5.00
CA GLY A 67 13.53 -5.80 5.47
C GLY A 67 13.62 -5.88 6.98
N ILE A 68 14.86 -5.87 7.48
CA ILE A 68 15.10 -6.00 8.92
C ILE A 68 16.47 -5.46 9.26
N LEU A 69 16.57 -4.78 10.42
CA LEU A 69 17.82 -4.30 10.98
C LEU A 69 18.20 -5.15 12.18
N ASP A 70 19.51 -5.30 12.39
CA ASP A 70 20.01 -5.98 13.58
C ASP A 70 20.18 -5.05 14.78
N LYS A 71 20.53 -3.78 14.53
CA LYS A 71 20.77 -2.78 15.58
C LYS A 71 19.88 -1.55 15.40
N PRO A 72 19.42 -0.89 16.48
CA PRO A 72 18.68 0.35 16.29
C PRO A 72 19.55 1.42 15.64
N VAL A 73 18.92 2.26 14.82
CA VAL A 73 19.58 3.37 14.15
C VAL A 73 19.05 4.75 14.57
N ASN A 74 18.22 4.82 15.63
CA ASN A 74 17.70 6.10 16.14
C ASN A 74 17.06 6.95 15.04
N PHE A 75 16.13 6.34 14.33
CA PHE A 75 15.40 7.02 13.26
C PHE A 75 14.68 8.25 13.80
N SER A 76 14.72 9.33 13.01
CA SER A 76 14.18 10.64 13.36
C SER A 76 12.79 10.53 14.00
N GLY A 77 12.59 11.26 15.09
CA GLY A 77 11.35 11.15 15.84
C GLY A 77 10.18 11.90 15.22
N TRP A 78 9.06 11.84 15.94
CA TRP A 78 7.78 12.40 15.49
C TRP A 78 7.21 13.43 16.45
N TYR A 79 6.93 13.05 17.69
CA TYR A 79 6.37 14.00 18.64
C TYR A 79 7.42 15.09 18.85
N GLN A 80 6.99 16.34 18.92
CA GLN A 80 7.99 17.41 19.02
C GLN A 80 8.55 17.48 20.43
N SER A 81 9.45 16.55 20.68
CA SER A 81 10.15 16.36 21.94
C SER A 81 11.52 15.79 21.60
N PRO A 82 12.50 15.90 22.50
CA PRO A 82 13.80 15.28 22.15
C PRO A 82 13.74 13.77 22.36
N ASP A 83 12.93 13.10 21.53
CA ASP A 83 12.68 11.66 21.64
C ASP A 83 12.84 10.92 20.31
N PRO A 84 14.07 10.66 19.86
CA PRO A 84 14.24 9.81 18.69
C PRO A 84 13.66 8.45 19.04
N VAL A 85 13.15 7.73 18.06
CA VAL A 85 12.52 6.44 18.31
C VAL A 85 13.40 5.32 17.78
N PRO A 86 13.97 4.46 18.64
CA PRO A 86 14.77 3.33 18.14
C PRO A 86 13.92 2.46 17.22
N VAL A 87 14.48 2.12 16.06
CA VAL A 87 13.77 1.33 15.06
C VAL A 87 14.58 0.08 14.77
N ARG A 88 13.92 -1.07 14.88
CA ARG A 88 14.53 -2.33 14.51
C ARG A 88 14.14 -2.80 13.11
N VAL A 89 12.91 -2.49 12.69
CA VAL A 89 12.43 -2.82 11.35
C VAL A 89 11.98 -1.53 10.66
N VAL A 90 12.68 -1.15 9.60
CA VAL A 90 12.38 0.04 8.80
C VAL A 90 11.55 -0.38 7.60
N PHE A 91 10.41 0.25 7.40
CA PHE A 91 9.51 -0.09 6.30
C PHE A 91 9.39 1.11 5.38
N MET A 92 9.03 0.84 4.12
CA MET A 92 8.74 1.91 3.16
C MET A 92 7.60 1.49 2.26
N LEU A 93 6.55 2.31 2.14
CA LEU A 93 5.48 2.01 1.21
C LEU A 93 5.39 3.09 0.15
N ALA A 94 4.94 2.68 -1.03
CA ALA A 94 4.67 3.55 -2.16
C ALA A 94 3.17 3.75 -2.33
N GLY A 95 2.80 4.85 -2.96
CA GLY A 95 1.41 5.09 -3.26
C GLY A 95 1.30 6.22 -4.26
N ARG A 96 0.09 6.36 -4.81
CA ARG A 96 -0.16 7.33 -5.87
C ARG A 96 -1.12 8.44 -5.47
N THR A 97 -2.13 8.15 -4.63
CA THR A 97 -3.08 9.15 -4.20
C THR A 97 -3.31 9.04 -2.69
N TRP A 98 -4.12 9.99 -2.20
CA TRP A 98 -4.43 10.06 -0.78
C TRP A 98 -5.17 8.83 -0.27
N ASP A 99 -6.11 8.32 -1.07
CA ASP A 99 -6.95 7.20 -0.62
C ASP A 99 -6.17 5.92 -0.38
N ASP A 100 -5.19 5.60 -1.23
CA ASP A 100 -4.47 4.36 -0.97
C ASP A 100 -3.50 4.52 0.17
N ILE A 101 -3.03 5.74 0.41
CA ILE A 101 -2.19 5.97 1.58
C ILE A 101 -3.00 5.81 2.85
N VAL A 102 -4.21 6.38 2.88
CA VAL A 102 -5.00 6.26 4.11
C VAL A 102 -5.38 4.80 4.36
N ILE A 103 -5.78 4.08 3.31
CA ILE A 103 -6.16 2.68 3.50
C ILE A 103 -4.98 1.84 3.94
N VAL A 104 -3.82 2.00 3.31
CA VAL A 104 -2.68 1.17 3.70
C VAL A 104 -2.19 1.55 5.09
N LEU A 105 -2.23 2.84 5.45
CA LEU A 105 -1.77 3.21 6.77
C LEU A 105 -2.71 2.68 7.85
N LYS A 106 -4.03 2.66 7.59
CA LYS A 106 -4.93 2.08 8.58
C LYS A 106 -4.67 0.58 8.73
N TRP A 107 -4.42 -0.11 7.62
CA TRP A 107 -4.08 -1.53 7.71
C TRP A 107 -2.79 -1.73 8.50
N ILE A 108 -1.79 -0.89 8.24
CA ILE A 108 -0.53 -0.99 8.95
C ILE A 108 -0.77 -0.78 10.44
N LYS A 109 -1.61 0.22 10.77
CA LYS A 109 -1.96 0.46 12.16
C LYS A 109 -2.48 -0.82 12.79
N ASP A 110 -3.38 -1.51 12.10
CA ASP A 110 -3.92 -2.74 12.67
C ASP A 110 -2.83 -3.80 12.83
N VAL A 111 -1.87 -3.85 11.91
CA VAL A 111 -0.79 -4.83 12.00
C VAL A 111 0.19 -4.54 13.14
N ILE A 112 0.61 -3.27 13.30
CA ILE A 112 1.60 -2.94 14.33
C ILE A 112 1.11 -3.16 15.76
N LEU A 113 -0.19 -3.04 16.05
CA LEU A 113 -0.62 -3.32 17.43
C LEU A 113 -0.60 -4.81 17.78
N ASP A 114 -0.30 -5.68 16.82
CA ASP A 114 -0.13 -7.11 17.13
C ASP A 114 1.33 -7.27 17.55
N GLU A 115 1.57 -7.26 18.87
CA GLU A 115 2.93 -7.21 19.39
C GLU A 115 3.68 -8.51 19.13
N GLU A 116 2.98 -9.65 19.20
CA GLU A 116 3.64 -10.94 19.01
C GLU A 116 4.20 -11.02 17.60
N PHE A 117 3.44 -10.51 16.63
CA PHE A 117 3.92 -10.47 15.25
C PHE A 117 5.20 -9.66 15.14
N MET A 118 5.24 -8.46 15.75
CA MET A 118 6.45 -7.65 15.63
C MET A 118 7.67 -8.30 16.28
N LYS A 119 7.51 -8.97 17.43
CA LYS A 119 8.69 -9.63 18.01
C LYS A 119 9.13 -10.76 17.09
N ARG A 120 8.16 -11.46 16.51
CA ARG A 120 8.54 -12.51 15.59
C ARG A 120 9.28 -11.91 14.41
N LEU A 121 8.85 -10.73 13.95
CA LEU A 121 9.55 -10.08 12.84
C LEU A 121 10.99 -9.82 13.23
N LEU A 122 11.21 -9.49 14.50
CA LEU A 122 12.56 -9.21 14.96
C LEU A 122 13.46 -10.45 14.91
N ASN A 123 12.92 -11.65 15.17
CA ASN A 123 13.77 -12.86 15.22
C ASN A 123 13.66 -13.82 14.04
N MET A 124 12.57 -13.77 13.28
CA MET A 124 12.25 -14.68 12.18
C MET A 124 13.07 -14.44 10.91
N SER A 125 13.20 -15.50 10.09
CA SER A 125 13.97 -15.47 8.83
C SER A 125 13.26 -14.68 7.74
N ASP A 126 14.02 -14.40 6.67
CA ASP A 126 13.53 -13.59 5.54
C ASP A 126 12.44 -14.26 4.70
N GLU A 127 12.48 -15.58 4.54
CA GLU A 127 11.42 -16.24 3.80
C GLU A 127 10.13 -16.13 4.59
N GLU A 128 10.25 -16.32 5.90
CA GLU A 128 9.11 -16.23 6.80
C GLU A 128 8.57 -14.80 6.87
N ILE A 129 9.44 -13.78 6.82
CA ILE A 129 8.93 -12.39 6.84
C ILE A 129 8.07 -12.17 5.63
N TYR A 130 8.57 -12.62 4.47
CA TYR A 130 7.78 -12.47 3.26
C TYR A 130 6.43 -13.16 3.42
N ARG A 131 6.46 -14.42 3.85
CA ARG A 131 5.23 -15.21 3.92
C ARG A 131 4.19 -14.62 4.85
N GLN A 132 4.60 -14.17 6.04
CA GLN A 132 3.59 -13.68 6.98
C GLN A 132 3.06 -12.32 6.58
N ILE A 133 3.89 -11.43 6.06
CA ILE A 133 3.33 -10.15 5.65
C ILE A 133 2.46 -10.34 4.42
N TYR A 134 2.90 -11.16 3.46
CA TYR A 134 2.06 -11.41 2.30
C TYR A 134 0.69 -11.88 2.76
N THR A 135 0.68 -12.84 3.70
CA THR A 135 -0.59 -13.37 4.18
C THR A 135 -1.46 -12.26 4.77
N ARG A 136 -0.87 -11.37 5.57
CA ARG A 136 -1.68 -10.28 6.10
C ARG A 136 -2.19 -9.34 5.01
N ILE A 137 -1.36 -9.02 4.01
CA ILE A 137 -1.84 -8.10 2.98
C ILE A 137 -3.00 -8.73 2.22
N SER A 138 -2.87 -10.01 1.87
CA SER A 138 -3.94 -10.65 1.10
C SER A 138 -5.14 -11.01 1.95
N LYS A 139 -5.06 -10.90 3.27
CA LYS A 139 -6.21 -11.28 4.10
C LYS A 139 -7.30 -10.21 4.06
N ALA A 140 -6.90 -8.95 4.02
CA ALA A 140 -7.85 -7.86 4.08
C ALA A 140 -8.69 -7.77 2.80
N PRO A 141 -9.94 -7.27 2.90
CA PRO A 141 -10.69 -6.96 1.67
C PRO A 141 -10.12 -5.78 0.91
N ASN A 142 -9.32 -4.96 1.59
CA ASN A 142 -8.65 -3.79 1.06
C ASN A 142 -7.25 -4.23 0.61
N LEU A 143 -6.46 -3.27 0.13
CA LEU A 143 -5.09 -3.48 -0.31
C LEU A 143 -4.97 -4.28 -1.59
N SER A 144 -6.06 -4.53 -2.30
CA SER A 144 -5.96 -5.26 -3.55
C SER A 144 -5.09 -4.47 -4.52
N GLY A 145 -4.16 -5.17 -5.16
CA GLY A 145 -3.28 -4.53 -6.12
C GLY A 145 -1.93 -4.10 -5.57
N ILE A 146 -1.73 -4.12 -4.26
CA ILE A 146 -0.44 -3.72 -3.71
C ILE A 146 0.54 -4.86 -3.93
N ASN A 147 1.65 -4.55 -4.58
CA ASN A 147 2.66 -5.55 -4.93
C ASN A 147 3.58 -5.84 -3.74
N PHE A 148 3.85 -7.13 -3.52
CA PHE A 148 4.77 -7.54 -2.47
C PHE A 148 5.39 -8.86 -2.88
N SER A 149 6.72 -8.89 -3.00
CA SER A 149 7.45 -10.07 -3.45
C SER A 149 8.68 -10.25 -2.58
N ARG A 150 9.25 -11.45 -2.67
CA ARG A 150 10.41 -11.82 -1.85
C ARG A 150 11.60 -10.91 -2.12
N GLU A 151 11.73 -10.38 -3.34
CA GLU A 151 12.86 -9.51 -3.63
C GLU A 151 12.82 -8.23 -2.81
N TYR A 152 11.68 -7.86 -2.24
CA TYR A 152 11.56 -6.59 -1.53
C TYR A 152 11.84 -6.72 -0.03
N VAL A 153 12.21 -7.90 0.46
CA VAL A 153 12.55 -8.10 1.88
C VAL A 153 14.01 -8.53 1.95
N ARG A 154 14.86 -7.69 2.53
CA ARG A 154 16.29 -7.96 2.62
C ARG A 154 16.82 -7.56 3.99
N HIS A 155 17.95 -8.15 4.36
CA HIS A 155 18.63 -7.70 5.58
C HIS A 155 19.29 -6.36 5.29
N LEU A 156 19.27 -5.48 6.29
CA LEU A 156 19.85 -4.15 6.21
C LEU A 156 21.02 -4.01 7.18
N ASN A 157 21.92 -3.09 6.85
CA ASN A 157 23.06 -2.77 7.68
C ASN A 157 22.74 -1.61 8.62
N ASP B 1 9.38 -42.78 4.61
CA ASP B 1 9.54 -42.26 6.00
C ASP B 1 8.22 -41.73 6.55
N VAL B 2 7.62 -40.80 5.81
CA VAL B 2 6.36 -40.14 6.18
C VAL B 2 5.39 -40.25 5.01
N GLN B 3 4.16 -40.66 5.29
CA GLN B 3 3.10 -40.80 4.29
C GLN B 3 1.85 -40.09 4.77
N LEU B 4 1.12 -39.48 3.82
CA LEU B 4 -0.13 -38.78 4.11
C LEU B 4 -1.28 -39.59 3.54
N GLN B 5 -2.49 -39.43 4.12
CA GLN B 5 -3.66 -40.15 3.60
C GLN B 5 -4.92 -39.29 3.57
N GLU B 6 -5.47 -39.12 2.36
CA GLU B 6 -6.72 -38.39 2.12
C GLU B 6 -7.90 -39.26 2.52
N SER B 7 -8.92 -38.65 3.12
CA SER B 7 -10.15 -39.35 3.46
C SER B 7 -11.31 -38.37 3.47
N GLY B 8 -12.49 -38.86 3.09
CA GLY B 8 -13.69 -38.05 3.12
C GLY B 8 -14.73 -38.34 2.06
N PRO B 9 -15.91 -37.71 2.20
CA PRO B 9 -17.09 -37.89 1.30
C PRO B 9 -16.91 -37.18 -0.03
N GLY B 10 -16.02 -37.73 -0.86
CA GLY B 10 -15.72 -37.10 -2.14
C GLY B 10 -16.91 -36.90 -3.04
N LEU B 11 -17.93 -37.76 -2.93
CA LEU B 11 -19.12 -37.63 -3.78
C LEU B 11 -20.02 -36.60 -3.11
N VAL B 12 -19.81 -35.33 -3.45
CA VAL B 12 -20.47 -34.21 -2.79
C VAL B 12 -21.35 -33.48 -3.80
N LYS B 13 -22.59 -33.18 -3.39
CA LYS B 13 -23.50 -32.44 -4.28
C LYS B 13 -23.20 -30.94 -4.26
N PRO B 14 -23.44 -30.23 -5.37
CA PRO B 14 -23.22 -28.76 -5.37
C PRO B 14 -23.98 -27.98 -4.31
N SER B 15 -25.08 -28.51 -3.74
CA SER B 15 -25.80 -27.73 -2.75
C SER B 15 -25.08 -27.66 -1.40
N GLN B 16 -24.10 -28.51 -1.15
CA GLN B 16 -23.36 -28.57 0.09
C GLN B 16 -21.91 -28.19 -0.23
N SER B 17 -21.07 -28.16 0.80
CA SER B 17 -19.66 -27.85 0.64
C SER B 17 -18.83 -29.12 0.55
N LEU B 18 -17.75 -29.04 -0.22
CA LEU B 18 -16.79 -30.15 -0.23
C LEU B 18 -16.14 -30.15 1.14
N SER B 19 -15.94 -31.34 1.70
CA SER B 19 -15.22 -31.53 2.96
C SER B 19 -14.23 -32.68 2.80
N LEU B 20 -12.94 -32.35 2.76
CA LEU B 20 -11.88 -33.34 2.55
C LEU B 20 -10.91 -33.25 3.72
N THR B 21 -10.62 -34.38 4.38
CA THR B 21 -9.76 -34.41 5.55
C THR B 21 -8.50 -35.17 5.21
N CYS B 22 -7.34 -34.61 5.57
CA CYS B 22 -6.07 -35.29 5.39
C CYS B 22 -5.43 -35.67 6.71
N SER B 23 -5.19 -36.96 6.88
CA SER B 23 -4.48 -37.48 8.03
C SER B 23 -3.00 -37.45 7.64
N VAL B 24 -2.14 -37.08 8.59
CA VAL B 24 -0.72 -37.01 8.32
C VAL B 24 -0.06 -37.84 9.42
N THR B 25 1.20 -38.22 9.20
CA THR B 25 1.94 -38.97 10.21
C THR B 25 3.35 -38.42 10.37
N GLY B 26 4.08 -39.01 11.33
CA GLY B 26 5.50 -38.82 11.51
C GLY B 26 5.93 -37.51 12.14
N TYR B 27 5.01 -36.62 12.52
CA TYR B 27 5.42 -35.31 13.04
C TYR B 27 4.27 -34.70 13.84
N SER B 28 4.53 -33.52 14.42
CA SER B 28 3.55 -32.72 15.15
C SER B 28 3.29 -31.43 14.37
N ILE B 29 2.02 -31.13 14.14
CA ILE B 29 1.64 -30.03 13.26
C ILE B 29 2.20 -28.68 13.73
N THR B 30 2.23 -28.43 15.04
CA THR B 30 2.63 -27.12 15.52
C THR B 30 4.13 -26.88 15.66
N SER B 31 4.99 -27.87 15.38
CA SER B 31 6.43 -27.65 15.54
C SER B 31 7.09 -26.97 14.35
N GLY B 32 6.50 -27.04 13.16
CA GLY B 32 7.15 -26.46 11.99
C GLY B 32 6.56 -27.02 10.71
N TYR B 33 7.11 -26.54 9.58
CA TYR B 33 6.69 -26.98 8.25
C TYR B 33 5.26 -26.54 7.93
N TYR B 34 4.90 -26.59 6.66
CA TYR B 34 3.60 -26.13 6.18
C TYR B 34 2.88 -27.27 5.48
N TRP B 35 1.54 -27.27 5.59
CA TRP B 35 0.70 -28.25 4.93
C TRP B 35 -0.12 -27.53 3.86
N ASN B 36 -0.33 -28.21 2.74
CA ASN B 36 -1.06 -27.58 1.65
C ASN B 36 -1.76 -28.63 0.80
N TRP B 37 -2.56 -28.15 -0.14
CA TRP B 37 -3.24 -29.01 -1.10
C TRP B 37 -2.81 -28.68 -2.52
N ILE B 38 -2.62 -29.73 -3.31
CA ILE B 38 -2.36 -29.63 -4.75
C ILE B 38 -3.54 -30.29 -5.42
N ARG B 39 -4.20 -29.58 -6.33
CA ARG B 39 -5.37 -30.12 -7.02
C ARG B 39 -4.96 -30.47 -8.44
N GLN B 40 -5.31 -31.67 -8.89
CA GLN B 40 -4.93 -32.15 -10.22
C GLN B 40 -6.17 -32.46 -11.04
N PHE B 41 -6.26 -31.89 -12.22
CA PHE B 41 -7.42 -32.04 -13.09
C PHE B 41 -7.23 -33.26 -13.99
N PRO B 42 -8.24 -33.63 -14.80
CA PRO B 42 -8.08 -34.82 -15.67
C PRO B 42 -6.86 -34.81 -16.58
N GLY B 43 -6.28 -33.66 -16.86
CA GLY B 43 -5.11 -33.55 -17.70
C GLY B 43 -3.88 -33.33 -16.84
N ASN B 44 -2.96 -32.50 -17.33
CA ASN B 44 -1.74 -32.22 -16.62
C ASN B 44 -1.81 -30.89 -15.87
N LYS B 45 -3.02 -30.34 -15.74
CA LYS B 45 -3.21 -29.07 -15.03
C LYS B 45 -3.20 -29.31 -13.53
N LEU B 46 -2.32 -28.59 -12.84
CA LEU B 46 -2.20 -28.64 -11.39
C LEU B 46 -2.41 -27.23 -10.87
N GLU B 47 -3.03 -27.12 -9.69
CA GLU B 47 -3.26 -25.83 -9.05
C GLU B 47 -2.82 -25.86 -7.61
N TRP B 48 -2.39 -24.67 -7.17
CA TRP B 48 -1.91 -24.41 -5.82
C TRP B 48 -3.08 -23.91 -4.98
N MET B 49 -3.46 -24.66 -3.97
CA MET B 49 -4.64 -24.28 -3.18
C MET B 49 -4.31 -23.46 -1.94
N GLY B 50 -3.04 -23.16 -1.65
CA GLY B 50 -2.68 -22.39 -0.47
C GLY B 50 -2.10 -23.22 0.66
N TYR B 51 -1.75 -22.52 1.73
CA TYR B 51 -1.08 -23.10 2.89
C TYR B 51 -1.93 -23.03 4.15
N ILE B 52 -1.69 -23.99 5.04
CA ILE B 52 -2.06 -23.90 6.44
C ILE B 52 -0.75 -24.11 7.20
N SER B 53 -0.36 -23.07 7.92
CA SER B 53 0.91 -23.00 8.62
C SER B 53 0.86 -23.70 9.98
N TYR B 54 2.04 -24.13 10.42
CA TYR B 54 2.19 -24.74 11.73
C TYR B 54 1.76 -23.80 12.85
N ASP B 55 1.81 -22.49 12.62
CA ASP B 55 1.47 -21.50 13.63
C ASP B 55 -0.01 -21.10 13.53
N GLY B 56 -0.78 -21.80 12.68
CA GLY B 56 -2.20 -21.52 12.54
C GLY B 56 -2.55 -20.56 11.43
N SER B 57 -1.58 -19.90 10.82
CA SER B 57 -1.87 -18.96 9.74
C SER B 57 -2.48 -19.71 8.55
N ASN B 58 -3.50 -19.10 7.96
CA ASN B 58 -4.24 -19.66 6.83
C ASN B 58 -4.12 -18.69 5.68
N ASN B 59 -3.42 -19.10 4.63
CA ASN B 59 -3.13 -18.25 3.46
C ASN B 59 -3.88 -18.85 2.28
N TYR B 60 -5.03 -18.27 1.96
CA TYR B 60 -5.94 -18.81 0.94
C TYR B 60 -5.55 -18.25 -0.42
N ASN B 61 -4.63 -18.93 -1.10
CA ASN B 61 -4.18 -18.49 -2.42
C ASN B 61 -5.30 -18.20 -3.42
N PRO B 62 -6.31 -19.08 -3.59
CA PRO B 62 -7.31 -18.84 -4.64
C PRO B 62 -8.02 -17.50 -4.51
N SER B 63 -8.43 -16.97 -5.67
CA SER B 63 -9.20 -15.73 -5.70
C SER B 63 -10.59 -15.91 -5.13
N LEU B 64 -11.03 -17.16 -4.97
CA LEU B 64 -12.35 -17.51 -4.43
C LEU B 64 -12.23 -17.49 -2.89
N LYS B 65 -12.03 -16.27 -2.37
CA LYS B 65 -11.68 -16.07 -0.98
C LYS B 65 -12.77 -16.53 -0.02
N ASN B 66 -14.04 -16.42 -0.40
CA ASN B 66 -15.14 -16.82 0.47
C ASN B 66 -15.60 -18.23 0.18
N ARG B 67 -14.92 -18.94 -0.71
CA ARG B 67 -15.25 -20.31 -1.07
C ARG B 67 -14.43 -21.33 -0.29
N ILE B 68 -13.13 -21.07 -0.13
CA ILE B 68 -12.21 -22.02 0.49
C ILE B 68 -11.99 -21.65 1.94
N SER B 69 -12.05 -22.66 2.81
CA SER B 69 -11.82 -22.48 4.24
C SER B 69 -11.02 -23.69 4.68
N ILE B 70 -9.93 -23.46 5.40
CA ILE B 70 -9.08 -24.54 5.88
C ILE B 70 -8.98 -24.41 7.39
N THR B 71 -9.24 -25.52 8.10
CA THR B 71 -9.11 -25.57 9.55
C THR B 71 -8.18 -26.73 9.92
N ARG B 72 -7.96 -26.88 11.22
CA ARG B 72 -7.00 -27.83 11.76
C ARG B 72 -7.50 -28.47 13.05
N ASP B 73 -7.07 -29.72 13.26
CA ASP B 73 -7.31 -30.41 14.52
C ASP B 73 -5.98 -31.07 14.89
N THR B 74 -5.29 -30.49 15.88
CA THR B 74 -3.97 -30.97 16.24
C THR B 74 -4.02 -32.19 17.16
N SER B 75 -5.20 -32.52 17.71
CA SER B 75 -5.26 -33.68 18.59
C SER B 75 -5.43 -34.94 17.75
N GLN B 76 -6.04 -34.80 16.58
CA GLN B 76 -6.25 -35.89 15.64
C GLN B 76 -5.14 -35.92 14.60
N ASN B 77 -4.26 -34.91 14.60
CA ASN B 77 -3.22 -34.76 13.59
C ASN B 77 -3.84 -34.75 12.19
N GLN B 78 -4.88 -33.92 12.03
CA GLN B 78 -5.63 -33.83 10.78
C GLN B 78 -5.82 -32.39 10.33
N PHE B 79 -5.92 -32.22 9.01
CA PHE B 79 -6.27 -30.94 8.39
C PHE B 79 -7.57 -31.10 7.63
N PHE B 80 -8.38 -30.04 7.61
CA PHE B 80 -9.70 -30.08 6.99
C PHE B 80 -9.84 -28.97 5.96
N LEU B 81 -10.09 -29.36 4.72
CA LEU B 81 -10.32 -28.46 3.60
C LEU B 81 -11.80 -28.43 3.30
N LYS B 82 -12.39 -27.23 3.25
CA LYS B 82 -13.77 -27.07 2.85
C LYS B 82 -13.85 -26.11 1.66
N LEU B 83 -14.79 -26.40 0.76
CA LEU B 83 -15.11 -25.51 -0.36
C LEU B 83 -16.60 -25.25 -0.41
N ASN B 84 -17.00 -24.00 -0.23
CA ASN B 84 -18.41 -23.65 -0.22
C ASN B 84 -19.00 -23.67 -1.64
N SER B 85 -20.26 -24.07 -1.74
CA SER B 85 -21.01 -24.08 -3.00
C SER B 85 -20.23 -24.72 -4.15
N VAL B 86 -19.74 -25.94 -3.91
CA VAL B 86 -18.86 -26.60 -4.87
C VAL B 86 -19.55 -26.71 -6.22
N THR B 87 -18.80 -26.44 -7.29
CA THR B 87 -19.29 -26.46 -8.66
C THR B 87 -18.58 -27.54 -9.46
N THR B 88 -18.97 -27.67 -10.73
CA THR B 88 -18.42 -28.74 -11.57
C THR B 88 -16.99 -28.46 -11.99
N GLU B 89 -16.53 -27.22 -11.87
CA GLU B 89 -15.14 -26.89 -12.22
C GLU B 89 -14.15 -27.37 -11.16
N ASP B 90 -14.62 -27.81 -10.00
CA ASP B 90 -13.78 -28.28 -8.92
C ASP B 90 -13.62 -29.79 -8.88
N THR B 91 -14.13 -30.52 -9.88
CA THR B 91 -13.93 -31.96 -9.87
C THR B 91 -12.49 -32.22 -10.29
N ALA B 92 -11.75 -32.88 -9.43
CA ALA B 92 -10.32 -33.08 -9.63
C ALA B 92 -9.86 -34.11 -8.62
N SER B 93 -8.68 -34.66 -8.85
CA SER B 93 -8.11 -35.42 -7.76
C SER B 93 -7.53 -34.39 -6.81
N TYR B 94 -7.34 -34.78 -5.55
CA TYR B 94 -6.80 -33.90 -4.54
C TYR B 94 -5.69 -34.58 -3.78
N TYR B 95 -4.55 -33.89 -3.64
CA TYR B 95 -3.43 -34.44 -2.90
C TYR B 95 -3.13 -33.46 -1.78
N CYS B 96 -2.86 -34.01 -0.60
CA CYS B 96 -2.27 -33.25 0.48
C CYS B 96 -0.76 -33.39 0.40
N ALA B 97 -0.07 -32.32 0.78
CA ALA B 97 1.37 -32.34 0.82
C ALA B 97 1.84 -31.60 2.06
N ARG B 98 2.98 -32.05 2.54
CA ARG B 98 3.68 -31.51 3.70
C ARG B 98 5.05 -31.11 3.21
N GLU B 99 5.35 -29.83 3.33
CA GLU B 99 6.64 -29.39 2.84
C GLU B 99 7.01 -28.10 3.56
N GLY B 100 8.31 -27.84 3.55
CA GLY B 100 8.90 -26.70 4.20
C GLY B 100 10.39 -26.81 4.03
N PRO B 101 11.17 -25.98 4.72
CA PRO B 101 12.62 -26.07 4.54
C PRO B 101 13.19 -27.40 4.99
N TYR B 102 14.12 -27.90 4.17
CA TYR B 102 14.89 -29.10 4.43
C TYR B 102 16.35 -28.70 4.30
N TYR B 103 17.20 -29.39 5.05
CA TYR B 103 18.61 -29.02 5.03
C TYR B 103 19.25 -29.19 3.67
N ASP B 104 19.98 -28.15 3.28
CA ASP B 104 20.80 -28.04 2.08
C ASP B 104 22.14 -27.54 2.61
N PHE B 105 23.10 -27.24 1.72
CA PHE B 105 24.40 -26.76 2.21
C PHE B 105 24.24 -25.50 3.07
N TRP B 106 23.15 -24.76 2.89
CA TRP B 106 22.77 -23.59 3.67
C TRP B 106 21.72 -24.03 4.67
N SER B 107 21.75 -23.45 5.87
CA SER B 107 20.82 -23.89 6.91
C SER B 107 19.36 -23.66 6.54
N GLY B 108 19.06 -22.79 5.58
CA GLY B 108 17.69 -22.57 5.18
C GLY B 108 17.52 -22.12 3.75
N TYR B 109 17.32 -23.06 2.82
CA TYR B 109 17.10 -22.72 1.42
C TYR B 109 15.60 -22.76 1.10
N TYR B 110 14.77 -23.18 2.04
CA TYR B 110 13.32 -23.19 1.87
C TYR B 110 12.91 -23.81 0.54
N ALA B 111 13.62 -24.85 0.14
CA ALA B 111 13.34 -25.60 -1.09
C ALA B 111 12.46 -26.77 -0.65
N TYR B 112 11.17 -26.63 -0.91
CA TYR B 112 10.18 -27.53 -0.35
C TYR B 112 10.22 -28.93 -0.94
N TYR B 113 10.52 -29.04 -2.23
CA TYR B 113 10.77 -30.27 -2.94
C TYR B 113 9.58 -31.22 -3.10
N MET B 114 8.39 -30.93 -2.57
CA MET B 114 7.29 -31.90 -2.56
C MET B 114 7.79 -33.24 -2.00
N ASP B 115 8.59 -33.15 -0.94
CA ASP B 115 9.16 -34.33 -0.32
C ASP B 115 8.10 -35.25 0.28
N VAL B 116 6.99 -34.72 0.76
CA VAL B 116 5.94 -35.51 1.39
C VAL B 116 4.64 -35.23 0.64
N TRP B 117 3.91 -36.29 0.31
CA TRP B 117 2.66 -36.18 -0.44
C TRP B 117 1.68 -37.28 -0.03
N GLY B 118 0.40 -37.06 -0.36
CA GLY B 118 -0.63 -38.05 -0.24
C GLY B 118 -1.14 -38.52 -1.59
N LYS B 119 -2.37 -39.05 -1.59
CA LYS B 119 -3.00 -39.53 -2.81
C LYS B 119 -4.49 -39.82 -2.62
N GLY B 120 -5.36 -39.22 -3.43
CA GLY B 120 -6.79 -39.50 -3.35
C GLY B 120 -7.53 -38.67 -4.38
N THR B 121 -8.84 -38.96 -4.50
CA THR B 121 -9.70 -38.27 -5.46
C THR B 121 -11.05 -37.91 -4.85
N THR B 122 -11.71 -36.94 -5.48
CA THR B 122 -13.10 -36.60 -5.19
C THR B 122 -13.84 -36.38 -6.51
N VAL B 123 -15.17 -36.39 -6.44
CA VAL B 123 -16.03 -36.14 -7.60
C VAL B 123 -17.13 -35.19 -7.17
N THR B 124 -17.40 -34.16 -7.97
CA THR B 124 -18.52 -33.26 -7.72
C THR B 124 -19.74 -33.74 -8.49
N VAL B 125 -20.88 -33.83 -7.79
CA VAL B 125 -22.19 -34.29 -8.28
C VAL B 125 -22.20 -35.82 -8.19
N ASP C 1 -0.09 -13.49 -10.74
CA ASP C 1 0.48 -14.85 -10.61
C ASP C 1 1.62 -15.00 -11.61
N ILE C 2 2.56 -15.90 -11.34
CA ILE C 2 3.69 -16.17 -12.23
C ILE C 2 3.36 -17.40 -13.06
N VAL C 3 3.34 -17.23 -14.38
CA VAL C 3 2.99 -18.30 -15.30
C VAL C 3 4.24 -19.08 -15.70
N MET C 4 4.13 -20.40 -15.61
CA MET C 4 5.16 -21.37 -15.98
C MET C 4 4.73 -22.15 -17.21
N SER C 5 5.66 -22.41 -18.12
CA SER C 5 5.29 -23.23 -19.27
C SER C 5 6.42 -24.12 -19.73
N GLN C 6 6.04 -25.23 -20.35
CA GLN C 6 6.94 -26.19 -20.96
C GLN C 6 6.96 -25.85 -22.45
N SER C 7 8.03 -25.20 -22.92
CA SER C 7 8.01 -24.63 -24.27
C SER C 7 7.74 -25.64 -25.38
N PRO C 8 8.44 -26.77 -25.49
CA PRO C 8 8.11 -27.73 -26.55
C PRO C 8 6.90 -28.59 -26.23
N SER C 9 6.34 -28.49 -25.01
CA SER C 9 5.31 -29.38 -24.50
C SER C 9 5.79 -30.84 -24.45
N SER C 10 7.10 -31.04 -24.54
CA SER C 10 7.83 -32.31 -24.57
C SER C 10 7.36 -33.18 -25.76
N LEU C 11 7.28 -34.51 -25.57
CA LEU C 11 6.94 -35.47 -26.62
C LEU C 11 7.87 -35.30 -27.82
N ALA C 12 9.12 -34.88 -27.57
CA ALA C 12 10.03 -34.64 -28.68
C ALA C 12 10.35 -35.92 -29.43
N VAL C 13 10.61 -37.00 -28.69
CA VAL C 13 10.91 -38.31 -29.25
C VAL C 13 10.23 -39.38 -28.40
N SER C 14 10.03 -40.54 -29.02
CA SER C 14 9.65 -41.72 -28.25
C SER C 14 10.90 -42.41 -27.73
N VAL C 15 11.98 -42.37 -28.51
CA VAL C 15 13.27 -42.97 -28.18
C VAL C 15 14.36 -41.96 -28.48
N GLY C 16 15.31 -41.83 -27.55
CA GLY C 16 16.45 -40.95 -27.74
C GLY C 16 17.19 -40.62 -26.47
N GLU C 17 18.48 -41.00 -26.47
CA GLU C 17 19.30 -40.94 -25.27
C GLU C 17 19.58 -39.53 -24.78
N LYS C 18 19.73 -38.56 -25.69
CA LYS C 18 20.09 -37.19 -25.32
C LYS C 18 19.04 -36.18 -25.78
N VAL C 19 17.92 -36.13 -25.07
CA VAL C 19 16.84 -35.19 -25.33
C VAL C 19 16.58 -34.51 -24.00
N THR C 20 15.93 -33.35 -24.05
CA THR C 20 15.69 -32.58 -22.83
C THR C 20 14.24 -32.17 -22.65
N MET C 21 13.95 -31.79 -21.41
CA MET C 21 12.70 -31.15 -21.01
C MET C 21 13.09 -29.69 -20.86
N SER C 22 12.19 -28.76 -21.21
CA SER C 22 12.48 -27.32 -21.17
C SER C 22 11.39 -26.39 -20.63
N CYS C 23 11.68 -25.72 -19.51
CA CYS C 23 10.79 -24.77 -18.85
C CYS C 23 11.20 -23.32 -19.11
N LYS C 24 10.18 -22.45 -19.14
CA LYS C 24 10.31 -21.00 -19.20
C LYS C 24 9.36 -20.38 -18.18
N SER C 25 9.76 -19.22 -17.64
CA SER C 25 8.95 -18.43 -16.72
C SER C 25 8.80 -17.00 -17.20
N SER C 26 7.67 -16.37 -16.83
CA SER C 26 7.45 -14.97 -17.11
C SER C 26 8.28 -14.03 -16.23
N GLN C 27 8.78 -14.52 -15.08
CA GLN C 27 9.56 -13.73 -14.15
C GLN C 27 10.98 -14.28 -14.01
N SER C 28 11.89 -13.42 -13.55
CA SER C 28 13.28 -13.84 -13.38
C SER C 28 13.43 -14.96 -12.35
N LEU C 29 12.55 -15.04 -11.37
CA LEU C 29 12.59 -16.05 -10.32
C LEU C 29 13.90 -16.08 -9.52
N LEU C 30 14.73 -15.04 -9.63
CA LEU C 30 16.05 -15.00 -9.01
C LEU C 30 16.04 -14.14 -7.75
N TYR C 31 16.51 -14.72 -6.63
CA TYR C 31 16.62 -14.01 -5.37
C TYR C 31 18.00 -13.39 -5.31
N SER C 32 18.07 -12.06 -5.24
CA SER C 32 19.39 -11.44 -5.23
C SER C 32 20.15 -11.70 -3.94
N SER C 33 19.43 -11.99 -2.85
CA SER C 33 20.10 -12.27 -1.57
C SER C 33 20.80 -13.62 -1.55
N ASN C 34 20.43 -14.54 -2.45
CA ASN C 34 21.03 -15.86 -2.56
C ASN C 34 21.77 -16.10 -3.86
N GLN C 35 21.45 -15.34 -4.91
CA GLN C 35 21.92 -15.57 -6.28
C GLN C 35 21.53 -16.98 -6.73
N LYS C 36 20.30 -17.38 -6.40
CA LYS C 36 19.76 -18.68 -6.76
C LYS C 36 18.34 -18.49 -7.25
N ASN C 37 17.98 -19.23 -8.30
CA ASN C 37 16.65 -19.18 -8.89
C ASN C 37 15.90 -20.44 -8.40
N TYR C 38 14.81 -20.21 -7.69
CA TYR C 38 14.04 -21.25 -7.01
C TYR C 38 12.97 -21.86 -7.93
N LEU C 39 13.19 -23.10 -8.40
CA LEU C 39 12.28 -23.82 -9.29
C LEU C 39 12.46 -25.34 -9.12
N ALA C 40 11.49 -26.10 -9.63
CA ALA C 40 11.52 -27.57 -9.52
C ALA C 40 10.80 -28.25 -10.68
N TRP C 41 11.19 -29.50 -10.96
CA TRP C 41 10.65 -30.32 -12.06
C TRP C 41 9.56 -31.36 -11.74
N TYR C 42 9.44 -31.84 -10.51
CA TYR C 42 8.46 -32.84 -10.06
C TYR C 42 8.09 -34.00 -10.99
N GLN C 43 9.06 -34.88 -11.28
CA GLN C 43 8.79 -36.03 -12.13
C GLN C 43 7.73 -36.93 -11.52
N GLN C 44 6.82 -37.44 -12.36
CA GLN C 44 5.72 -38.29 -11.91
C GLN C 44 5.47 -39.44 -12.88
N LYS C 45 5.31 -40.66 -12.33
CA LYS C 45 4.92 -41.83 -13.09
C LYS C 45 3.39 -41.87 -13.20
N PRO C 46 2.82 -42.46 -14.26
CA PRO C 46 1.37 -42.58 -14.32
C PRO C 46 0.72 -43.35 -13.15
N GLY C 47 -0.36 -42.78 -12.63
CA GLY C 47 -1.10 -43.39 -11.54
C GLY C 47 -0.53 -43.13 -10.17
N GLN C 48 0.57 -42.38 -10.07
CA GLN C 48 1.27 -42.08 -8.84
C GLN C 48 1.32 -40.57 -8.60
N SER C 49 1.53 -40.21 -7.35
CA SER C 49 1.75 -38.82 -6.97
C SER C 49 3.13 -38.35 -7.45
N PRO C 50 3.29 -37.07 -7.76
CA PRO C 50 4.60 -36.57 -8.18
C PRO C 50 5.62 -36.54 -7.05
N LYS C 51 6.89 -36.72 -7.44
CA LYS C 51 8.03 -36.66 -6.54
C LYS C 51 9.09 -35.82 -7.22
N LEU C 52 9.92 -35.12 -6.43
CA LEU C 52 10.95 -34.27 -6.99
C LEU C 52 12.30 -34.95 -7.03
N LEU C 53 12.92 -34.92 -8.21
CA LEU C 53 14.27 -35.38 -8.40
C LEU C 53 15.32 -34.27 -8.38
N ILE C 54 15.04 -33.12 -9.01
CA ILE C 54 16.04 -32.05 -9.16
C ILE C 54 15.49 -30.71 -8.69
N TYR C 55 16.19 -30.05 -7.76
CA TYR C 55 15.87 -28.68 -7.34
C TYR C 55 17.17 -27.90 -7.53
N TRP C 56 17.37 -27.30 -8.70
CA TRP C 56 18.64 -26.64 -9.02
C TRP C 56 19.79 -27.61 -8.67
N ALA C 57 19.62 -28.87 -9.09
CA ALA C 57 20.52 -30.00 -8.84
C ALA C 57 20.50 -30.52 -7.39
N SER C 58 19.66 -29.98 -6.51
CA SER C 58 19.55 -30.46 -5.12
C SER C 58 18.53 -31.58 -4.95
N THR C 59 18.58 -32.19 -3.75
CA THR C 59 17.73 -33.29 -3.26
C THR C 59 17.61 -34.46 -4.25
N ARG C 60 18.72 -34.82 -4.88
CA ARG C 60 18.68 -35.93 -5.83
C ARG C 60 18.79 -37.26 -5.05
N LYS C 61 17.75 -37.54 -4.24
CA LYS C 61 17.78 -38.76 -3.44
C LYS C 61 17.73 -39.98 -4.33
N SER C 62 16.79 -40.00 -5.27
CA SER C 62 16.66 -41.08 -6.25
C SER C 62 17.48 -40.69 -7.47
N GLY C 63 18.78 -40.51 -7.22
CA GLY C 63 19.63 -39.96 -8.26
C GLY C 63 19.85 -40.89 -9.43
N VAL C 64 19.80 -40.29 -10.62
CA VAL C 64 20.09 -40.90 -11.91
C VAL C 64 20.94 -39.89 -12.67
N PRO C 65 21.62 -40.31 -13.74
CA PRO C 65 22.27 -39.28 -14.57
C PRO C 65 21.23 -38.27 -15.03
N ASP C 66 21.51 -37.00 -14.79
CA ASP C 66 20.59 -35.91 -15.13
C ASP C 66 21.36 -34.60 -15.10
N ARG C 67 20.67 -33.49 -15.39
CA ARG C 67 21.29 -32.17 -15.43
C ARG C 67 20.25 -31.12 -15.05
N PHE C 68 20.74 -29.95 -14.62
CA PHE C 68 19.92 -28.75 -14.46
C PHE C 68 20.74 -27.64 -15.11
N THR C 69 20.20 -26.99 -16.17
CA THR C 69 21.03 -26.06 -16.95
C THR C 69 20.67 -24.57 -17.00
N GLY C 70 19.43 -24.13 -16.71
CA GLY C 70 19.10 -22.72 -16.96
C GLY C 70 19.37 -21.78 -15.80
N SER C 71 19.09 -20.47 -16.04
CA SER C 71 19.28 -19.45 -15.01
C SER C 71 18.38 -18.21 -15.03
N GLY C 72 17.88 -17.79 -16.19
CA GLY C 72 17.14 -16.54 -16.33
C GLY C 72 15.63 -16.63 -16.22
N SER C 73 14.95 -15.59 -16.76
CA SER C 73 13.49 -15.56 -16.66
C SER C 73 12.87 -16.57 -17.61
N GLY C 74 13.02 -16.34 -18.91
CA GLY C 74 12.53 -17.26 -19.90
C GLY C 74 13.58 -18.33 -20.07
N THR C 75 14.69 -17.91 -20.70
CA THR C 75 15.87 -18.73 -21.01
C THR C 75 15.47 -20.12 -21.50
N ASP C 76 16.19 -21.15 -21.08
CA ASP C 76 15.83 -22.53 -21.40
C ASP C 76 16.27 -23.36 -20.20
N PHE C 77 15.35 -23.62 -19.27
CA PHE C 77 15.68 -24.42 -18.09
C PHE C 77 15.43 -25.86 -18.45
N THR C 78 16.46 -26.68 -18.44
CA THR C 78 16.26 -28.05 -18.85
C THR C 78 16.79 -29.09 -17.90
N LEU C 79 16.32 -30.31 -18.19
CA LEU C 79 16.91 -31.51 -17.64
C LEU C 79 17.14 -32.46 -18.80
N THR C 80 18.17 -33.29 -18.67
CA THR C 80 18.53 -34.28 -19.67
C THR C 80 18.15 -35.65 -19.15
N ILE C 81 17.37 -36.39 -19.94
CA ILE C 81 16.85 -37.67 -19.46
C ILE C 81 17.97 -38.73 -19.38
N SER C 82 19.01 -38.60 -20.22
CA SER C 82 20.12 -39.54 -20.33
C SER C 82 19.64 -40.83 -21.01
N SER C 83 20.55 -41.79 -21.22
CA SER C 83 20.21 -42.92 -22.07
C SER C 83 19.11 -43.78 -21.47
N VAL C 84 19.20 -44.10 -20.17
CA VAL C 84 18.20 -44.89 -19.48
C VAL C 84 17.91 -44.25 -18.13
N LYS C 85 16.63 -44.08 -17.84
CA LYS C 85 16.17 -43.60 -16.53
C LYS C 85 15.49 -44.67 -15.70
N ALA C 86 14.89 -45.67 -16.33
CA ALA C 86 14.06 -46.72 -15.73
C ALA C 86 12.75 -46.12 -15.21
N GLU C 87 12.44 -44.89 -15.63
CA GLU C 87 11.21 -44.17 -15.39
C GLU C 87 10.85 -43.52 -16.73
N ASP C 88 10.77 -44.36 -17.76
CA ASP C 88 10.68 -43.94 -19.15
C ASP C 88 9.28 -43.51 -19.56
N LEU C 89 8.27 -43.75 -18.72
CA LEU C 89 6.91 -43.29 -18.96
C LEU C 89 6.67 -42.30 -17.85
N ALA C 90 6.62 -41.01 -18.17
CA ALA C 90 6.51 -40.04 -17.08
C ALA C 90 5.99 -38.72 -17.58
N VAL C 91 5.42 -37.97 -16.64
CA VAL C 91 4.98 -36.60 -16.83
C VAL C 91 5.82 -35.73 -15.90
N TYR C 92 6.26 -34.58 -16.40
CA TYR C 92 7.09 -33.63 -15.69
C TYR C 92 6.32 -32.31 -15.59
N TYR C 93 6.60 -31.57 -14.52
CA TYR C 93 5.92 -30.31 -14.28
C TYR C 93 6.94 -29.20 -14.10
N CYS C 94 6.51 -28.00 -14.46
CA CYS C 94 7.30 -26.79 -14.36
C CYS C 94 6.79 -26.03 -13.12
N GLN C 95 7.66 -25.77 -12.14
CA GLN C 95 7.28 -25.08 -10.92
C GLN C 95 8.27 -23.98 -10.55
N GLN C 96 7.78 -22.95 -9.86
CA GLN C 96 8.59 -21.83 -9.38
C GLN C 96 8.24 -21.50 -7.93
N TYR C 97 9.23 -20.95 -7.21
CA TYR C 97 9.06 -20.49 -5.84
C TYR C 97 9.66 -19.09 -5.65
N PHE C 98 9.14 -18.10 -6.37
CA PHE C 98 9.62 -16.73 -6.23
C PHE C 98 8.53 -15.82 -5.71
N GLY C 99 7.32 -15.90 -6.29
CA GLY C 99 6.22 -15.09 -5.83
C GLY C 99 5.44 -15.97 -4.88
N TYR C 100 4.39 -15.43 -4.27
CA TYR C 100 3.61 -16.32 -3.41
C TYR C 100 2.86 -17.36 -4.22
N PRO C 101 2.06 -17.03 -5.23
CA PRO C 101 1.25 -18.06 -5.85
C PRO C 101 2.11 -19.00 -6.67
N LEU C 102 1.67 -20.24 -6.72
CA LEU C 102 2.28 -21.28 -7.50
C LEU C 102 1.31 -21.79 -8.55
N THR C 103 1.84 -22.13 -9.71
CA THR C 103 1.08 -22.70 -10.79
C THR C 103 2.02 -23.75 -11.37
N PHE C 104 1.55 -24.58 -12.29
CA PHE C 104 2.40 -25.59 -12.88
C PHE C 104 2.26 -25.67 -14.39
N GLY C 105 3.41 -25.79 -15.06
CA GLY C 105 3.45 -26.09 -16.47
C GLY C 105 3.58 -27.58 -16.57
N ALA C 106 3.53 -28.14 -17.77
CA ALA C 106 3.67 -29.59 -17.83
C ALA C 106 3.98 -30.09 -19.22
N GLY C 107 4.50 -31.31 -19.25
CA GLY C 107 4.68 -32.07 -20.47
C GLY C 107 5.12 -33.46 -20.09
N THR C 108 5.06 -34.38 -21.05
CA THR C 108 5.37 -35.79 -20.77
C THR C 108 6.30 -36.39 -21.82
N LYS C 109 6.78 -37.59 -21.46
CA LYS C 109 7.46 -38.49 -22.39
C LYS C 109 6.84 -39.86 -22.19
N LEU C 110 6.29 -40.43 -23.26
CA LEU C 110 5.61 -41.72 -23.20
C LEU C 110 5.87 -42.52 -24.47
N GLU C 111 6.31 -43.77 -24.27
CA GLU C 111 6.49 -44.75 -25.35
C GLU C 111 5.37 -45.78 -25.27
N LEU C 112 4.34 -45.61 -26.08
CA LEU C 112 3.18 -46.48 -26.09
C LEU C 112 2.99 -47.01 -27.50
N LYS C 113 2.50 -48.24 -27.61
CA LYS C 113 2.23 -48.85 -28.90
C LYS C 113 0.88 -48.41 -29.45
N GLU D 1 -19.58 33.31 19.63
CA GLU D 1 -20.17 31.95 19.63
C GLU D 1 -20.08 31.35 18.22
N VAL D 2 -19.36 30.24 18.08
CA VAL D 2 -19.16 29.52 16.81
C VAL D 2 -18.27 30.30 15.85
N GLN D 3 -18.63 31.56 15.60
CA GLN D 3 -17.86 32.47 14.75
C GLN D 3 -16.61 32.97 15.47
N LEU D 4 -15.47 32.83 14.80
CA LEU D 4 -14.16 33.22 15.33
C LEU D 4 -13.95 34.71 15.13
N VAL D 5 -13.17 35.32 16.02
CA VAL D 5 -12.86 36.76 15.89
C VAL D 5 -11.35 36.97 15.95
N GLU D 6 -10.80 37.43 14.83
CA GLU D 6 -9.39 37.76 14.74
C GLU D 6 -9.12 39.08 15.45
N SER D 7 -7.97 39.19 16.10
CA SER D 7 -7.56 40.42 16.78
C SER D 7 -6.05 40.58 16.70
N GLY D 8 -5.59 41.74 17.14
CA GLY D 8 -4.19 42.07 17.15
C GLY D 8 -3.66 42.81 15.95
N GLY D 9 -4.52 43.42 15.13
CA GLY D 9 -4.07 44.16 13.97
C GLY D 9 -3.62 45.55 14.35
N GLY D 10 -3.34 46.36 13.34
CA GLY D 10 -2.85 47.71 13.57
C GLY D 10 -1.88 48.13 12.48
N LEU D 11 -1.23 49.27 12.76
CA LEU D 11 -0.27 49.92 11.85
C LEU D 11 1.14 49.69 12.37
N VAL D 12 1.93 48.93 11.62
CA VAL D 12 3.29 48.55 12.01
C VAL D 12 4.24 48.84 10.86
N GLN D 13 5.35 49.51 11.16
CA GLN D 13 6.34 49.92 10.17
C GLN D 13 7.17 48.72 9.68
N PRO D 14 7.69 48.77 8.44
CA PRO D 14 8.57 47.68 7.97
C PRO D 14 9.76 47.48 8.90
N GLY D 15 10.15 46.21 9.08
CA GLY D 15 11.25 45.88 9.96
C GLY D 15 10.85 45.61 11.40
N GLY D 16 9.61 45.87 11.75
CA GLY D 16 9.12 45.69 13.09
C GLY D 16 8.51 44.32 13.29
N SER D 17 7.65 44.22 14.30
CA SER D 17 7.04 42.95 14.64
C SER D 17 5.69 43.18 15.29
N LEU D 18 4.87 42.12 15.31
CA LEU D 18 3.58 42.21 15.99
C LEU D 18 3.06 40.80 16.24
N ARG D 19 2.36 40.62 17.36
CA ARG D 19 1.71 39.36 17.67
C ARG D 19 0.25 39.45 17.23
N LEU D 20 -0.17 38.58 16.31
CA LEU D 20 -1.55 38.51 15.87
C LEU D 20 -2.18 37.30 16.53
N SER D 21 -3.47 37.36 16.85
CA SER D 21 -4.11 36.20 17.45
C SER D 21 -5.56 36.10 17.02
N CYS D 22 -6.11 34.90 17.13
CA CYS D 22 -7.50 34.65 16.77
C CYS D 22 -8.18 33.93 17.92
N ALA D 23 -9.30 34.52 18.38
CA ALA D 23 -10.15 34.03 19.46
C ALA D 23 -11.20 33.05 18.96
N ALA D 24 -11.52 32.08 19.83
CA ALA D 24 -12.54 31.08 19.60
C ALA D 24 -13.25 30.76 20.90
N SER D 25 -14.55 30.47 20.80
CA SER D 25 -15.32 30.00 21.95
C SER D 25 -16.59 29.34 21.43
N GLY D 26 -17.27 28.63 22.33
CA GLY D 26 -18.54 28.00 22.00
C GLY D 26 -18.42 26.58 21.50
N PHE D 27 -17.19 26.10 21.33
CA PHE D 27 -16.85 24.77 20.84
C PHE D 27 -15.47 24.42 21.37
N THR D 28 -15.11 23.15 21.29
CA THR D 28 -13.79 22.73 21.73
C THR D 28 -12.72 23.03 20.69
N PHE D 29 -11.72 23.81 21.11
CA PHE D 29 -10.64 24.23 20.21
C PHE D 29 -9.90 23.02 19.63
N SER D 30 -9.55 22.08 20.51
CA SER D 30 -8.73 20.93 20.14
C SER D 30 -9.43 19.92 19.23
N ASN D 31 -10.74 20.01 19.03
CA ASN D 31 -11.42 19.05 18.16
C ASN D 31 -11.47 19.52 16.71
N TYR D 32 -10.87 20.68 16.43
CA TYR D 32 -10.70 21.31 15.13
C TYR D 32 -9.25 21.76 15.16
N TRP D 33 -8.71 22.32 14.07
CA TRP D 33 -7.36 22.87 14.24
C TRP D 33 -7.22 24.14 13.40
N MET D 34 -6.37 25.05 13.85
CA MET D 34 -6.18 26.36 13.23
C MET D 34 -4.84 26.51 12.52
N SER D 35 -4.85 27.22 11.39
CA SER D 35 -3.64 27.57 10.62
C SER D 35 -3.83 28.98 10.07
N TRP D 36 -2.77 29.58 9.51
CA TRP D 36 -2.88 30.97 9.03
C TRP D 36 -2.92 31.11 7.52
N VAL D 37 -3.83 32.00 7.06
CA VAL D 37 -4.11 32.37 5.68
C VAL D 37 -4.05 33.88 5.53
N ARG D 38 -3.47 34.38 4.42
CA ARG D 38 -3.36 35.82 4.15
C ARG D 38 -4.14 36.19 2.89
N GLN D 39 -4.68 37.42 2.89
CA GLN D 39 -5.33 38.03 1.73
C GLN D 39 -4.79 39.43 1.43
N ALA D 40 -3.74 39.52 0.62
CA ALA D 40 -3.23 40.82 0.21
C ALA D 40 -4.27 41.44 -0.74
N PRO D 41 -4.35 42.77 -0.83
CA PRO D 41 -5.32 43.37 -1.77
C PRO D 41 -5.14 42.86 -3.19
N GLY D 42 -6.25 42.48 -3.83
CA GLY D 42 -6.24 41.97 -5.18
C GLY D 42 -6.02 40.47 -5.28
N LYS D 43 -5.72 39.81 -4.16
CA LYS D 43 -5.43 38.38 -4.09
C LYS D 43 -6.46 37.72 -3.19
N GLY D 44 -6.16 36.50 -2.73
CA GLY D 44 -7.04 35.78 -1.85
C GLY D 44 -6.50 34.42 -1.46
N LEU D 45 -6.83 34.06 -0.23
CA LEU D 45 -6.43 32.79 0.38
C LEU D 45 -4.93 32.50 0.28
N GLU D 46 -4.08 33.50 0.51
CA GLU D 46 -2.65 33.19 0.43
C GLU D 46 -2.33 32.37 1.65
N TRP D 47 -1.51 31.33 1.49
CA TRP D 47 -1.09 30.55 2.64
C TRP D 47 0.00 31.26 3.43
N VAL D 48 -0.19 31.37 4.74
CA VAL D 48 0.80 31.97 5.64
C VAL D 48 1.62 30.90 6.32
N GLY D 49 0.94 29.91 6.90
CA GLY D 49 1.69 28.86 7.57
C GLY D 49 0.74 27.88 8.23
N PHE D 50 1.35 26.86 8.83
CA PHE D 50 0.57 25.77 9.38
C PHE D 50 1.29 25.14 10.55
N ILE D 51 0.53 24.82 11.59
CA ILE D 51 1.04 24.02 12.69
C ILE D 51 0.04 22.89 12.85
N LYS D 52 0.50 21.78 13.40
CA LYS D 52 -0.42 20.67 13.65
C LYS D 52 -0.99 20.73 15.06
N ASN D 53 -2.08 20.00 15.24
CA ASN D 53 -2.70 19.86 16.55
C ASN D 53 -1.72 19.17 17.48
N LYS D 54 -1.85 19.43 18.79
CA LYS D 54 -1.01 18.73 19.74
C LYS D 54 -1.21 17.22 19.63
N ALA D 55 -2.40 16.80 19.19
CA ALA D 55 -2.66 15.38 18.97
C ALA D 55 -1.69 14.80 17.96
N ASP D 56 -1.25 15.61 16.98
CA ASP D 56 -0.34 15.17 15.95
C ASP D 56 1.08 15.68 16.15
N GLY D 57 1.42 16.13 17.36
CA GLY D 57 2.76 16.55 17.71
C GLY D 57 3.06 18.03 17.68
N GLY D 58 2.18 18.87 17.15
CA GLY D 58 2.50 20.29 17.14
C GLY D 58 3.57 20.66 16.14
N THR D 59 3.70 19.88 15.06
CA THR D 59 4.74 20.14 14.06
C THR D 59 4.45 21.46 13.36
N ALA D 60 5.50 22.26 13.17
CA ALA D 60 5.36 23.55 12.51
C ALA D 60 5.82 23.49 11.05
N ALA D 61 5.19 24.33 10.23
CA ALA D 61 5.49 24.49 8.83
C ALA D 61 5.21 25.94 8.44
N TYR D 62 5.81 26.34 7.34
CA TYR D 62 5.75 27.69 6.83
C TYR D 62 5.42 27.69 5.34
N ALA D 63 4.80 28.78 4.89
CA ALA D 63 4.58 28.93 3.46
C ALA D 63 5.88 29.29 2.76
N GLU D 64 5.95 28.96 1.48
CA GLU D 64 7.17 29.20 0.73
C GLU D 64 7.50 30.69 0.74
N SER D 65 8.78 31.00 0.91
CA SER D 65 9.33 32.36 0.93
C SER D 65 8.98 33.16 2.17
N VAL D 66 8.31 32.58 3.17
CA VAL D 66 8.05 33.26 4.43
C VAL D 66 8.64 32.51 5.63
N LYS D 67 9.68 31.72 5.40
CA LYS D 67 10.35 30.99 6.48
C LYS D 67 10.96 31.94 7.49
N GLY D 68 10.84 31.60 8.78
CA GLY D 68 11.47 32.37 9.82
C GLY D 68 10.74 33.61 10.30
N ARG D 69 10.43 34.50 9.36
CA ARG D 69 9.74 35.75 9.68
C ARG D 69 8.38 35.51 10.31
N PHE D 70 7.73 34.39 10.01
CA PHE D 70 6.43 34.02 10.58
C PHE D 70 6.61 32.84 11.53
N THR D 71 6.40 33.07 12.82
CA THR D 71 6.49 32.05 13.86
C THR D 71 5.07 31.78 14.31
N ILE D 72 4.61 30.54 14.18
CA ILE D 72 3.22 30.18 14.47
C ILE D 72 3.16 29.33 15.72
N SER D 73 2.27 29.68 16.64
CA SER D 73 2.07 28.93 17.87
C SER D 73 0.59 28.97 18.25
N ARG D 74 0.30 28.47 19.45
CA ARG D 74 -1.06 28.33 19.94
C ARG D 74 -1.07 28.41 21.46
N ASP D 75 -2.26 28.67 22.01
CA ASP D 75 -2.49 28.58 23.44
C ASP D 75 -3.82 27.86 23.58
N ASP D 76 -3.76 26.58 23.96
CA ASP D 76 -4.95 25.73 24.01
C ASP D 76 -5.80 25.99 25.23
N SER D 77 -5.30 26.74 26.21
CA SER D 77 -6.07 27.02 27.42
C SER D 77 -6.96 28.24 27.24
N LYS D 78 -6.75 29.00 26.17
CA LYS D 78 -7.49 30.21 25.85
C LYS D 78 -8.22 30.06 24.54
N ASN D 79 -8.16 28.87 23.92
CA ASN D 79 -8.74 28.61 22.60
C ASN D 79 -8.26 29.67 21.61
N THR D 80 -6.97 30.02 21.68
CA THR D 80 -6.42 31.09 20.86
C THR D 80 -5.24 30.62 20.02
N LEU D 81 -5.25 30.97 18.74
CA LEU D 81 -4.10 30.72 17.86
C LEU D 81 -3.34 32.04 17.73
N TYR D 82 -2.00 32.02 17.68
CA TYR D 82 -1.31 33.28 17.44
C TYR D 82 -0.08 33.08 16.56
N LEU D 83 0.29 34.16 15.88
CA LEU D 83 1.45 34.23 15.00
C LEU D 83 2.28 35.44 15.39
N GLN D 84 3.58 35.22 15.58
CA GLN D 84 4.55 36.27 15.88
C GLN D 84 5.18 36.66 14.55
N MET D 85 4.88 37.87 14.09
CA MET D 85 5.35 38.38 12.81
C MET D 85 6.59 39.22 13.06
N ASN D 86 7.63 39.01 12.27
CA ASN D 86 8.86 39.78 12.36
C ASN D 86 9.28 40.09 10.93
N SER D 87 10.37 40.86 10.78
CA SER D 87 10.97 41.19 9.48
C SER D 87 9.90 41.64 8.49
N LEU D 88 9.05 42.56 8.93
CA LEU D 88 7.91 42.98 8.12
C LEU D 88 8.35 43.71 6.86
N LYS D 89 7.60 43.49 5.79
CA LYS D 89 7.81 44.13 4.49
C LYS D 89 6.51 44.79 4.05
N THR D 90 6.63 45.87 3.26
CA THR D 90 5.42 46.56 2.78
C THR D 90 4.57 45.70 1.85
N GLU D 91 5.18 44.88 0.99
CA GLU D 91 4.36 44.06 0.08
C GLU D 91 3.57 42.98 0.80
N ASP D 92 3.82 42.74 2.10
CA ASP D 92 3.11 41.74 2.87
C ASP D 92 1.97 42.32 3.68
N THR D 93 1.60 43.57 3.45
CA THR D 93 0.46 44.16 4.16
C THR D 93 -0.79 43.49 3.62
N ALA D 94 -1.68 43.07 4.50
CA ALA D 94 -2.81 42.25 4.05
C ALA D 94 -3.79 42.05 5.18
N VAL D 95 -4.94 41.43 4.86
CA VAL D 95 -5.85 40.96 5.89
C VAL D 95 -5.46 39.52 6.23
N TYR D 96 -5.25 39.25 7.52
CA TYR D 96 -4.84 37.93 7.99
C TYR D 96 -6.02 37.19 8.62
N TYR D 97 -6.13 35.90 8.29
CA TYR D 97 -7.20 35.03 8.73
C TYR D 97 -6.63 33.80 9.41
N CYS D 98 -7.40 33.28 10.36
CA CYS D 98 -7.13 31.98 10.97
C CYS D 98 -8.16 31.00 10.45
N ALA D 99 -7.69 30.01 9.70
CA ALA D 99 -8.55 29.04 9.05
C ALA D 99 -8.66 27.80 9.92
N ARG D 100 -9.87 27.28 10.02
CA ARG D 100 -10.21 26.11 10.83
C ARG D 100 -10.34 24.86 9.97
N ASP D 101 -9.43 23.91 10.12
CA ASP D 101 -9.47 22.68 9.34
C ASP D 101 -10.10 21.59 10.20
N LEU D 102 -10.31 20.43 9.58
CA LEU D 102 -10.91 19.25 10.21
C LEU D 102 -10.11 17.98 9.92
N GLY D 103 -9.11 17.65 10.73
CA GLY D 103 -8.37 16.44 10.42
C GLY D 103 -7.15 16.21 11.29
N ARG D 104 -6.56 15.03 11.08
CA ARG D 104 -5.34 14.57 11.75
C ARG D 104 -4.50 13.88 10.69
N TYR D 105 -3.19 13.71 11.00
CA TYR D 105 -2.26 12.97 10.12
C TYR D 105 -1.34 12.02 10.88
N ASN D 106 -1.86 10.96 11.52
CA ASN D 106 -0.94 10.05 12.19
C ASN D 106 -1.53 8.66 12.43
N PHE D 107 -0.65 7.79 12.97
CA PHE D 107 -0.90 6.44 13.47
C PHE D 107 -1.56 6.42 14.84
N TRP D 108 -2.30 5.34 15.11
CA TRP D 108 -2.96 5.13 16.39
C TRP D 108 -3.97 6.24 16.63
N SER D 109 -4.58 6.68 15.54
CA SER D 109 -5.51 7.79 15.60
C SER D 109 -6.54 7.64 14.50
N GLY D 110 -6.09 7.71 13.26
CA GLY D 110 -7.05 7.69 12.17
C GLY D 110 -7.45 9.14 11.99
N PHE D 111 -8.68 9.38 11.56
CA PHE D 111 -9.17 10.71 11.26
C PHE D 111 -8.34 11.35 10.14
N TYR D 112 -7.93 10.55 9.16
CA TYR D 112 -7.18 11.11 8.05
C TYR D 112 -8.13 11.91 7.17
N SER D 113 -7.72 13.12 6.81
CA SER D 113 -8.59 13.95 5.98
C SER D 113 -7.77 15.09 5.37
N GLN D 114 -8.43 15.82 4.49
CA GLN D 114 -7.91 17.06 3.91
C GLN D 114 -8.35 18.20 4.81
N ASN D 115 -7.64 19.34 4.71
CA ASN D 115 -7.89 20.46 5.63
C ASN D 115 -9.37 20.86 5.65
N ARG D 116 -10.00 20.93 4.48
CA ARG D 116 -11.44 21.19 4.36
C ARG D 116 -11.87 22.41 5.19
N PHE D 117 -11.21 23.57 4.99
CA PHE D 117 -11.55 24.72 5.81
C PHE D 117 -13.04 25.05 5.66
N ASP D 118 -13.67 25.46 6.76
CA ASP D 118 -15.12 25.74 6.72
C ASP D 118 -15.47 27.21 6.93
N VAL D 119 -15.49 27.68 8.20
CA VAL D 119 -15.86 29.04 8.56
C VAL D 119 -14.76 29.69 9.40
N TRP D 120 -14.49 30.97 9.12
CA TRP D 120 -13.51 31.76 9.84
C TRP D 120 -13.98 33.21 9.80
N GLY D 121 -13.28 34.09 10.53
CA GLY D 121 -13.72 35.46 10.68
C GLY D 121 -13.22 36.48 9.67
N PRO D 122 -13.66 37.74 9.84
CA PRO D 122 -13.28 38.81 8.91
C PRO D 122 -11.78 39.05 8.76
N GLY D 123 -10.96 38.66 9.72
CA GLY D 123 -9.53 38.86 9.62
C GLY D 123 -9.11 40.22 10.15
N VAL D 124 -7.80 40.36 10.35
CA VAL D 124 -7.20 41.60 10.86
C VAL D 124 -6.33 42.22 9.78
N LEU D 125 -6.53 43.51 9.53
CA LEU D 125 -5.79 44.25 8.52
C LEU D 125 -4.45 44.72 9.11
N VAL D 126 -3.36 44.37 8.44
CA VAL D 126 -2.01 44.76 8.83
C VAL D 126 -1.43 45.62 7.71
N THR D 127 -1.15 46.88 8.02
CA THR D 127 -0.63 47.84 7.05
C THR D 127 0.51 48.63 7.68
N VAL D 128 1.14 49.47 6.85
CA VAL D 128 2.23 50.36 7.25
C VAL D 128 1.66 51.74 7.54
N SER D 129 2.03 52.32 8.69
CA SER D 129 1.52 53.63 9.07
C SER D 129 1.98 54.72 8.11
N SER D 130 3.28 54.76 7.80
CA SER D 130 3.87 55.75 6.91
C SER D 130 3.41 57.19 7.20
N SER E 1 -2.36 20.77 -8.92
CA SER E 1 -1.09 20.91 -8.14
C SER E 1 -0.33 22.14 -8.58
N TYR E 2 0.44 22.72 -7.65
CA TYR E 2 1.26 23.92 -7.92
C TYR E 2 0.31 25.04 -8.40
N GLU E 3 0.67 25.79 -9.44
CA GLU E 3 -0.13 26.94 -9.87
C GLU E 3 -1.53 26.53 -10.30
N VAL E 4 -2.51 27.34 -9.90
CA VAL E 4 -3.93 27.15 -10.21
C VAL E 4 -4.35 28.26 -11.16
N THR E 5 -4.84 27.88 -12.34
CA THR E 5 -5.24 28.88 -13.34
C THR E 5 -6.67 29.34 -13.10
N GLN E 6 -7.02 30.45 -13.77
CA GLN E 6 -8.32 31.12 -13.74
C GLN E 6 -8.46 32.29 -14.72
N PRO E 7 -9.69 32.60 -15.16
CA PRO E 7 -9.93 33.90 -15.81
C PRO E 7 -10.08 34.98 -14.77
N PRO E 8 -9.70 36.23 -15.03
CA PRO E 8 -10.02 37.30 -14.07
C PRO E 8 -11.50 37.41 -13.70
N SER E 9 -12.41 37.23 -14.65
CA SER E 9 -13.82 37.31 -14.36
C SER E 9 -14.60 36.58 -15.45
N VAL E 10 -15.83 36.21 -15.13
CA VAL E 10 -16.75 35.62 -16.10
C VAL E 10 -18.10 36.34 -16.01
N SER E 11 -18.62 36.80 -17.15
CA SER E 11 -19.94 37.44 -17.24
C SER E 11 -20.99 36.36 -17.42
N VAL E 12 -21.89 36.24 -16.43
CA VAL E 12 -22.86 35.15 -16.33
C VAL E 12 -24.29 35.65 -16.45
N SER E 13 -24.97 35.23 -17.51
CA SER E 13 -26.37 35.54 -17.70
C SER E 13 -27.17 34.58 -16.81
N PRO E 14 -28.42 34.90 -16.49
CA PRO E 14 -29.22 33.97 -15.65
C PRO E 14 -29.24 32.51 -16.12
N GLY E 15 -29.15 32.26 -17.43
CA GLY E 15 -29.17 30.91 -17.98
C GLY E 15 -27.87 30.41 -18.57
N GLN E 16 -26.74 31.09 -18.32
CA GLN E 16 -25.48 30.72 -18.96
C GLN E 16 -25.00 29.33 -18.56
N MET E 17 -25.24 28.91 -17.31
CA MET E 17 -24.73 27.64 -16.77
C MET E 17 -23.22 27.56 -16.99
N ALA E 18 -22.54 28.56 -16.45
CA ALA E 18 -21.11 28.75 -16.66
C ALA E 18 -20.29 27.63 -16.03
N ARG E 19 -19.25 27.20 -16.74
CA ARG E 19 -18.30 26.19 -16.26
C ARG E 19 -17.00 26.91 -15.97
N ILE E 20 -16.84 27.31 -14.71
CA ILE E 20 -15.74 28.14 -14.22
C ILE E 20 -14.83 27.24 -13.42
N THR E 21 -13.55 27.18 -13.78
CA THR E 21 -12.65 26.17 -13.26
C THR E 21 -11.39 26.68 -12.57
N CYS E 22 -10.84 25.78 -11.76
CA CYS E 22 -9.49 25.85 -11.21
C CYS E 22 -8.63 24.90 -12.03
N GLY E 23 -7.47 25.38 -12.47
CA GLY E 23 -6.52 24.56 -13.19
C GLY E 23 -5.55 23.81 -12.31
N GLY E 24 -4.59 23.16 -12.96
CA GLY E 24 -3.57 22.35 -12.30
C GLY E 24 -3.17 21.14 -13.13
N ASP E 25 -2.14 20.42 -12.67
CA ASP E 25 -1.64 19.27 -13.41
C ASP E 25 -2.67 18.16 -13.53
N ASN E 26 -3.47 17.94 -12.50
CA ASN E 26 -4.49 16.89 -12.53
C ASN E 26 -5.44 17.08 -11.36
N LEU E 27 -6.69 17.50 -11.63
CA LEU E 27 -7.67 17.69 -10.57
C LEU E 27 -8.77 16.63 -10.58
N GLY E 28 -8.55 15.51 -11.28
CA GLY E 28 -9.51 14.43 -11.31
C GLY E 28 -9.21 13.45 -10.17
N SER E 29 -8.14 13.75 -9.42
CA SER E 29 -7.57 13.06 -8.29
C SER E 29 -6.87 14.19 -7.56
N LYS E 30 -6.61 14.04 -6.25
CA LYS E 30 -5.98 15.13 -5.50
C LYS E 30 -6.84 16.39 -5.62
N TYR E 31 -8.13 16.19 -5.37
CA TYR E 31 -9.18 17.20 -5.55
C TYR E 31 -9.04 18.45 -4.69
N VAL E 32 -9.96 19.40 -4.89
CA VAL E 32 -9.94 20.69 -4.20
C VAL E 32 -11.25 20.95 -3.49
N HIS E 33 -11.17 21.87 -2.53
CA HIS E 33 -12.33 22.44 -1.84
C HIS E 33 -12.61 23.80 -2.43
N TRP E 34 -13.88 24.26 -2.39
CA TRP E 34 -14.21 25.57 -2.96
C TRP E 34 -14.77 26.48 -1.88
N TYR E 35 -14.41 27.76 -1.96
CA TYR E 35 -14.77 28.80 -1.01
C TYR E 35 -15.44 29.97 -1.72
N GLN E 36 -16.40 30.62 -1.07
CA GLN E 36 -17.08 31.80 -1.62
C GLN E 36 -16.99 32.97 -0.65
N GLN E 37 -16.53 34.11 -1.17
CA GLN E 37 -16.27 35.34 -0.44
C GLN E 37 -17.18 36.48 -0.86
N LYS E 38 -18.05 36.89 0.06
CA LYS E 38 -18.91 38.04 -0.17
C LYS E 38 -18.01 39.27 -0.09
N PRO E 39 -18.19 40.29 -0.95
CA PRO E 39 -17.35 41.48 -0.86
C PRO E 39 -17.31 42.07 0.55
N ALA E 40 -16.10 42.45 0.97
CA ALA E 40 -15.82 43.01 2.29
C ALA E 40 -16.01 42.00 3.43
N GLN E 41 -16.09 40.71 3.10
CA GLN E 41 -16.17 39.62 4.06
C GLN E 41 -15.07 38.60 3.78
N ALA E 42 -14.77 37.78 4.78
CA ALA E 42 -13.83 36.69 4.61
C ALA E 42 -14.46 35.63 3.71
N PRO E 43 -13.64 34.85 2.98
CA PRO E 43 -14.21 33.70 2.25
C PRO E 43 -14.76 32.65 3.20
N VAL E 44 -15.81 31.96 2.76
CA VAL E 44 -16.33 30.81 3.50
C VAL E 44 -16.44 29.67 2.51
N LEU E 45 -16.45 28.45 3.05
CA LEU E 45 -16.59 27.27 2.22
C LEU E 45 -17.91 27.26 1.46
N VAL E 46 -17.84 27.02 0.15
CA VAL E 46 -19.04 26.90 -0.66
C VAL E 46 -19.33 25.43 -0.93
N ILE E 47 -18.31 24.62 -1.30
CA ILE E 47 -18.52 23.19 -1.41
C ILE E 47 -17.33 22.40 -0.87
N TYR E 48 -17.69 21.20 -0.40
CA TYR E 48 -16.86 20.15 0.19
C TYR E 48 -16.21 19.28 -0.89
N ASP E 49 -15.45 18.29 -0.40
CA ASP E 49 -14.70 17.34 -1.23
C ASP E 49 -15.56 16.81 -2.38
N ASP E 50 -15.04 16.90 -3.59
CA ASP E 50 -15.72 16.46 -4.81
C ASP E 50 -17.05 17.21 -4.95
N SER E 51 -18.20 16.58 -4.63
CA SER E 51 -19.50 17.24 -4.77
C SER E 51 -20.37 16.91 -3.57
N GLU E 52 -20.38 17.83 -2.59
CA GLU E 52 -21.18 17.68 -1.40
C GLU E 52 -21.32 19.13 -0.96
N ARG E 53 -22.36 19.45 -0.18
CA ARG E 53 -22.61 20.85 0.17
C ARG E 53 -22.86 21.12 1.65
N PRO E 54 -22.35 22.25 2.18
CA PRO E 54 -22.80 22.69 3.51
C PRO E 54 -24.29 23.03 3.47
N SER E 55 -24.95 22.88 4.62
CA SER E 55 -26.36 23.23 4.70
C SER E 55 -26.55 24.70 4.36
N GLY E 56 -27.62 24.99 3.61
CA GLY E 56 -27.95 26.34 3.19
C GLY E 56 -27.45 26.70 1.81
N ILE E 57 -26.60 25.87 1.22
CA ILE E 57 -26.04 26.12 -0.11
C ILE E 57 -27.05 25.68 -1.17
N PRO E 58 -27.35 26.52 -2.20
CA PRO E 58 -28.35 26.15 -3.20
C PRO E 58 -27.90 25.05 -4.16
N GLU E 59 -28.73 24.77 -5.16
CA GLU E 59 -28.45 23.76 -6.18
C GLU E 59 -27.26 24.12 -7.08
N ARG E 60 -26.73 25.32 -6.96
CA ARG E 60 -25.55 25.70 -7.71
C ARG E 60 -24.34 25.08 -7.01
N PHE E 61 -23.19 25.12 -7.67
CA PHE E 61 -21.96 24.56 -7.11
C PHE E 61 -22.14 23.03 -7.01
N SER E 62 -22.65 22.44 -8.09
CA SER E 62 -22.98 21.02 -8.17
C SER E 62 -22.15 20.23 -9.20
N GLY E 63 -21.02 20.76 -9.66
CA GLY E 63 -20.27 20.07 -10.70
C GLY E 63 -19.77 18.71 -10.26
N SER E 64 -19.82 17.76 -11.19
CA SER E 64 -19.38 16.39 -10.97
C SER E 64 -17.87 16.23 -11.03
N LYS E 65 -17.14 17.17 -11.64
CA LYS E 65 -15.68 17.11 -11.70
C LYS E 65 -15.24 15.73 -12.28
N SER E 66 -15.87 15.35 -13.39
CA SER E 66 -15.52 14.06 -13.97
C SER E 66 -14.18 14.07 -14.69
N GLY E 67 -13.70 15.23 -15.14
CA GLY E 67 -12.44 15.34 -15.84
C GLY E 67 -11.32 15.70 -14.89
N ASN E 68 -10.20 16.14 -15.48
CA ASN E 68 -9.02 16.49 -14.68
C ASN E 68 -9.01 17.97 -14.33
N THR E 69 -10.05 18.70 -14.73
CA THR E 69 -10.25 20.12 -14.43
C THR E 69 -11.48 20.20 -13.54
N ALA E 70 -11.37 20.92 -12.43
CA ALA E 70 -12.46 20.99 -11.46
C ALA E 70 -13.44 22.08 -11.87
N THR E 71 -14.66 21.68 -12.22
CA THR E 71 -15.69 22.60 -12.71
C THR E 71 -16.73 22.79 -11.61
N LEU E 72 -16.92 24.03 -11.17
CA LEU E 72 -17.87 24.29 -10.10
C LEU E 72 -19.32 24.15 -10.59
N THR E 73 -19.62 24.76 -11.73
CA THR E 73 -20.91 24.78 -12.44
C THR E 73 -21.91 25.65 -11.69
N ILE E 74 -22.16 26.84 -12.21
CA ILE E 74 -23.07 27.82 -11.62
C ILE E 74 -24.26 28.02 -12.56
N SER E 75 -25.43 27.56 -12.13
CA SER E 75 -26.64 27.65 -12.95
C SER E 75 -27.25 29.04 -12.79
N GLY E 76 -26.48 30.04 -13.22
CA GLY E 76 -26.86 31.43 -13.12
C GLY E 76 -26.58 32.01 -11.75
N VAL E 77 -27.01 33.26 -11.57
CA VAL E 77 -26.83 34.01 -10.33
C VAL E 77 -28.19 34.50 -9.85
N GLU E 78 -28.52 34.20 -8.60
CA GLU E 78 -29.79 34.59 -8.00
C GLU E 78 -29.62 35.81 -7.10
N ALA E 79 -30.51 36.79 -7.26
CA ALA E 79 -30.62 37.98 -6.41
C ALA E 79 -29.28 38.65 -6.09
N GLY E 80 -28.94 38.80 -4.81
CA GLY E 80 -27.74 39.48 -4.35
C GLY E 80 -26.64 38.53 -3.90
N ASP E 81 -26.71 37.27 -4.31
CA ASP E 81 -25.78 36.25 -3.85
C ASP E 81 -24.53 36.15 -4.71
N GLU E 82 -24.31 37.10 -5.62
CA GLU E 82 -23.09 37.11 -6.41
C GLU E 82 -21.90 37.34 -5.48
N ALA E 83 -20.88 36.50 -5.59
CA ALA E 83 -19.73 36.67 -4.72
C ALA E 83 -18.51 35.96 -5.30
N ASP E 84 -17.34 36.46 -4.94
CA ASP E 84 -16.07 35.89 -5.39
C ASP E 84 -15.93 34.47 -4.86
N TYR E 85 -15.31 33.58 -5.63
CA TYR E 85 -15.02 32.25 -5.11
C TYR E 85 -13.62 31.84 -5.54
N TYR E 86 -13.02 30.95 -4.74
CA TYR E 86 -11.63 30.50 -4.87
C TYR E 86 -11.58 29.00 -4.55
N CYS E 87 -10.41 28.37 -4.67
CA CYS E 87 -10.31 26.95 -4.32
C CYS E 87 -8.99 26.63 -3.62
N GLN E 88 -8.99 25.49 -2.92
CA GLN E 88 -7.87 24.95 -2.17
C GLN E 88 -7.40 23.60 -2.71
N VAL E 89 -6.12 23.53 -3.11
CA VAL E 89 -5.47 22.34 -3.64
C VAL E 89 -4.46 21.88 -2.59
N TRP E 90 -4.64 20.68 -2.05
CA TRP E 90 -3.74 20.22 -0.98
C TRP E 90 -2.29 20.16 -1.51
N ASP E 91 -2.10 19.67 -2.73
CA ASP E 91 -0.77 19.57 -3.34
C ASP E 91 0.23 18.74 -2.52
N SER E 92 -0.05 17.45 -2.47
CA SER E 92 0.73 16.52 -1.68
C SER E 92 2.21 16.49 -2.06
N SER E 93 2.56 16.92 -3.28
CA SER E 93 3.97 16.89 -3.69
C SER E 93 4.83 17.84 -2.86
N SER E 94 4.21 18.79 -2.17
CA SER E 94 4.88 19.74 -1.28
C SER E 94 4.50 19.52 0.17
N ASP E 95 3.59 18.57 0.46
CA ASP E 95 3.01 18.24 1.76
C ASP E 95 2.08 19.30 2.34
N HIS E 96 1.87 20.44 1.67
CA HIS E 96 1.07 21.51 2.27
C HIS E 96 0.12 22.19 1.29
N PRO E 97 -1.09 22.56 1.71
CA PRO E 97 -2.05 23.14 0.76
C PRO E 97 -1.64 24.49 0.20
N LEU E 98 -1.92 24.66 -1.08
CA LEU E 98 -1.78 25.90 -1.84
C LEU E 98 -3.20 26.28 -2.21
N PHE E 99 -3.43 27.58 -2.38
CA PHE E 99 -4.75 28.07 -2.74
C PHE E 99 -4.64 28.86 -4.03
N GLY E 100 -5.73 28.88 -4.78
CA GLY E 100 -5.69 29.63 -6.00
C GLY E 100 -6.96 29.50 -6.81
N GLY E 101 -6.81 29.97 -8.04
CA GLY E 101 -7.84 30.00 -9.02
C GLY E 101 -8.87 30.99 -8.53
N GLY E 102 -10.09 30.82 -9.02
CA GLY E 102 -11.15 31.68 -8.55
C GLY E 102 -11.48 32.77 -9.53
N THR E 103 -12.73 33.22 -9.50
CA THR E 103 -13.20 34.27 -10.38
C THR E 103 -14.12 35.20 -9.61
N ARG E 104 -14.19 36.44 -10.10
CA ARG E 104 -15.21 37.39 -9.69
C ARG E 104 -16.29 37.34 -10.75
N LEU E 105 -17.55 37.41 -10.31
CA LEU E 105 -18.66 37.42 -11.24
C LEU E 105 -19.27 38.80 -11.43
N THR E 106 -19.85 38.99 -12.61
CA THR E 106 -20.64 40.17 -12.97
C THR E 106 -21.94 39.69 -13.59
N VAL E 107 -22.97 40.54 -13.51
CA VAL E 107 -24.24 40.31 -14.17
C VAL E 107 -24.61 41.57 -14.95
N LEU E 108 -25.53 41.39 -15.90
CA LEU E 108 -26.09 42.49 -16.68
C LEU E 108 -24.99 43.24 -17.44
#